data_9UK3
#
_entry.id   9UK3
#
_cell.length_a   41.072
_cell.length_b   80.972
_cell.length_c   84.539
_cell.angle_alpha   90.00
_cell.angle_beta   90.00
_cell.angle_gamma   90.00
#
_symmetry.space_group_name_H-M   'P 2 21 21'
#
loop_
_entity.id
_entity.type
_entity.pdbx_description
1 polymer 'SCRIB overlapping open reading frame protein'
2 polymer 'WD repeat-containing protein 5'
3 water water
#
loop_
_entity_poly.entity_id
_entity_poly.type
_entity_poly.pdbx_seq_one_letter_code
_entity_poly.pdbx_strand_id
1 'polypeptide(L)' (ACE)MRTEPRPPAP(NH2) B
2 'polypeptide(L)'
;SATQSKPTPVKPNYALKFTLAGHTKAVSSVKFSPNGEWLASSSADKLIKIWGAYDGKFEKTISGHKLGISDVAWSSDSNL
LVSASDDKTLKIWDVSSGKCLKTLKGHSNYVFCCNFNPQSNLIVSGSFDESVRIWDVKTGKCLKTLPAHSDPVSAVHFNR
DGSLIVSSSYDGLCRIWDTASGQCLKTLIDDDNPPVSFVKFSPNGKYILAATLDNTLKLWDYSKGKCLKTYTGHKNEKYC
IFANFSVTGGKWIVSGSEDNLVYIWNLQTKEIVQKLQGHTDVVISTACHPTENIIASAALENDKTIKLWKSDC
;
A
#
# COMPACT_ATOMS: atom_id res chain seq x y z
N MET A 2 6.96 10.53 3.98
CA MET A 2 6.25 11.55 3.25
C MET A 2 4.80 11.21 2.95
N ARG A 3 4.46 9.92 2.98
CA ARG A 3 3.08 9.54 2.78
C ARG A 3 2.21 10.16 3.86
N THR A 4 2.80 10.42 5.01
CA THR A 4 2.05 10.96 6.14
C THR A 4 1.85 12.45 6.10
N GLU A 5 2.39 13.09 5.06
CA GLU A 5 2.24 14.52 4.91
C GLU A 5 1.39 14.83 3.72
N PRO A 6 0.57 15.87 3.85
CA PRO A 6 -0.37 16.15 2.78
C PRO A 6 0.21 16.76 1.52
N ARG A 7 -0.42 16.50 0.39
CA ARG A 7 -0.03 17.13 -0.84
C ARG A 7 -1.04 18.24 -1.03
N PRO A 8 -0.56 19.47 -1.06
CA PRO A 8 -1.50 20.54 -1.34
C PRO A 8 -2.19 20.36 -2.69
N PRO A 9 -3.52 20.28 -2.68
CA PRO A 9 -4.26 20.10 -3.91
C PRO A 9 -3.96 21.14 -5.01
N LYS B 11 -24.08 -7.27 3.50
CA LYS B 11 -23.19 -6.32 4.13
C LYS B 11 -22.30 -6.98 5.17
N PRO B 12 -21.10 -6.44 5.36
CA PRO B 12 -20.25 -6.96 6.41
C PRO B 12 -20.58 -6.31 7.74
N ASN B 13 -20.06 -6.82 8.83
CA ASN B 13 -20.27 -6.18 10.11
C ASN B 13 -18.96 -6.12 10.88
N TYR B 14 -17.99 -5.44 10.29
CA TYR B 14 -16.71 -5.25 10.94
C TYR B 14 -16.90 -4.50 12.24
N ALA B 15 -16.34 -5.03 13.31
CA ALA B 15 -16.42 -4.41 14.61
C ALA B 15 -15.02 -4.31 15.18
N LEU B 16 -14.76 -3.22 15.90
CA LEU B 16 -13.43 -3.01 16.48
C LEU B 16 -13.08 -4.10 17.49
N LYS B 17 -11.91 -4.68 17.34
CA LYS B 17 -11.45 -5.65 18.30
C LYS B 17 -10.25 -5.18 19.08
N PHE B 18 -9.31 -4.57 18.39
CA PHE B 18 -8.12 -4.09 19.03
C PHE B 18 -7.57 -2.78 18.53
N THR B 19 -7.07 -1.97 19.44
CA THR B 19 -6.35 -0.75 19.08
C THR B 19 -4.89 -0.92 19.48
N LEU B 20 -4.02 -0.68 18.52
CA LEU B 20 -2.61 -0.90 18.70
C LEU B 20 -1.88 0.41 18.74
N ALA B 21 -1.21 0.65 19.84
CA ALA B 21 -0.47 1.87 19.99
C ALA B 21 1.01 1.78 20.32
N GLY B 22 1.79 2.80 19.96
CA GLY B 22 3.20 2.93 20.37
C GLY B 22 4.06 3.57 19.30
N HIS B 23 3.58 3.67 18.06
CA HIS B 23 4.31 4.46 17.09
C HIS B 23 4.16 5.87 17.65
N THR B 24 5.20 6.65 17.58
CA THR B 24 5.20 7.97 18.20
C THR B 24 5.01 9.09 17.18
N LYS B 25 4.86 8.70 15.92
CA LYS B 25 4.50 9.63 14.87
C LYS B 25 3.50 8.93 13.96
N ALA B 26 2.93 9.67 13.03
CA ALA B 26 1.99 9.12 12.11
C ALA B 26 2.34 7.77 11.55
N VAL B 27 1.35 6.89 11.47
CA VAL B 27 1.58 5.61 10.83
C VAL B 27 1.40 5.83 9.32
N SER B 28 2.17 5.11 8.53
CA SER B 28 2.11 5.25 7.08
C SER B 28 1.52 4.05 6.35
N SER B 29 1.78 2.88 6.89
CA SER B 29 1.24 1.70 6.26
C SER B 29 1.10 0.48 7.15
N VAL B 30 0.07 -0.28 6.84
CA VAL B 30 -0.09 -1.60 7.59
C VAL B 30 -0.28 -2.71 6.55
N LYS B 31 0.29 -3.87 6.80
CA LYS B 31 0.20 -4.98 5.89
C LYS B 31 0.19 -6.30 6.67
N PHE B 32 -0.70 -7.20 6.29
CA PHE B 32 -0.71 -8.51 6.92
C PHE B 32 0.29 -9.44 6.24
N SER B 33 0.98 -10.25 7.03
CA SER B 33 1.88 -11.24 6.48
C SER B 33 1.06 -12.23 5.66
N PRO B 34 1.58 -12.73 4.54
CA PRO B 34 0.82 -13.69 3.75
C PRO B 34 0.41 -14.92 4.53
N ASN B 35 1.15 -15.32 5.56
CA ASN B 35 0.71 -16.47 6.37
C ASN B 35 -0.34 -16.11 7.39
N GLY B 36 -0.73 -14.84 7.45
CA GLY B 36 -1.79 -14.41 8.33
C GLY B 36 -1.45 -14.25 9.79
N GLU B 37 -0.21 -14.48 10.14
CA GLU B 37 0.10 -14.46 11.56
C GLU B 37 0.38 -13.06 12.08
N TRP B 38 0.84 -12.15 11.22
CA TRP B 38 1.42 -10.90 11.69
C TRP B 38 0.86 -9.73 10.92
N LEU B 39 0.87 -8.57 11.57
CA LEU B 39 0.67 -7.28 10.95
C LEU B 39 1.98 -6.52 11.05
N ALA B 40 2.48 -5.99 9.93
CA ALA B 40 3.60 -5.06 9.97
C ALA B 40 3.09 -3.65 9.77
N SER B 41 3.67 -2.70 10.52
CA SER B 41 3.35 -1.30 10.36
C SER B 41 4.62 -0.49 10.15
N SER B 42 4.50 0.60 9.41
CA SER B 42 5.60 1.52 9.19
C SER B 42 5.14 2.90 9.59
N SER B 43 6.08 3.77 9.91
CA SER B 43 5.67 5.04 10.48
C SER B 43 6.68 6.13 10.14
N ALA B 44 6.20 7.37 10.20
CA ALA B 44 7.07 8.52 10.15
C ALA B 44 8.08 8.55 11.29
N ASP B 45 7.92 7.72 12.31
CA ASP B 45 8.88 7.63 13.43
C ASP B 45 10.11 6.79 13.07
N LYS B 46 10.26 6.44 11.80
CA LYS B 46 11.43 5.71 11.31
C LYS B 46 11.45 4.25 11.70
N LEU B 47 10.35 3.80 12.28
CA LEU B 47 10.27 2.44 12.73
C LEU B 47 9.27 1.49 12.06
N ILE B 48 9.61 0.22 12.06
CA ILE B 48 8.68 -0.84 11.66
C ILE B 48 8.25 -1.54 12.95
N LYS B 49 6.99 -1.85 13.07
CA LYS B 49 6.55 -2.65 14.22
C LYS B 49 5.79 -3.87 13.76
N ILE B 50 5.94 -4.94 14.52
CA ILE B 50 5.28 -6.17 14.20
C ILE B 50 4.25 -6.40 15.28
N TRP B 51 3.06 -6.85 14.88
CA TRP B 51 1.96 -7.08 15.80
C TRP B 51 1.27 -8.40 15.46
N GLY B 52 0.74 -9.07 16.48
CA GLY B 52 -0.03 -10.28 16.22
C GLY B 52 -1.30 -9.95 15.49
N ALA B 53 -1.56 -10.67 14.38
CA ALA B 53 -2.69 -10.33 13.53
C ALA B 53 -4.04 -10.67 14.19
N TYR B 54 -4.07 -11.67 15.06
CA TYR B 54 -5.32 -12.11 15.66
C TYR B 54 -5.56 -11.56 17.06
N ASP B 55 -4.53 -11.18 17.79
CA ASP B 55 -4.69 -10.64 19.13
C ASP B 55 -4.25 -9.17 19.28
N GLY B 56 -3.69 -8.61 18.23
CA GLY B 56 -3.19 -7.25 18.26
C GLY B 56 -1.96 -7.03 19.14
N LYS B 57 -1.42 -8.11 19.67
CA LYS B 57 -0.31 -7.96 20.61
C LYS B 57 0.97 -7.48 19.95
N PHE B 58 1.53 -6.43 20.50
CA PHE B 58 2.80 -5.94 20.00
C PHE B 58 3.85 -7.02 20.06
N GLU B 59 4.58 -7.19 18.99
CA GLU B 59 5.60 -8.23 18.93
C GLU B 59 7.01 -7.66 19.04
N LYS B 60 7.39 -6.79 18.11
CA LYS B 60 8.71 -6.21 18.12
C LYS B 60 8.85 -4.96 17.30
N THR B 61 9.92 -4.20 17.55
CA THR B 61 10.24 -3.05 16.73
C THR B 61 11.46 -3.35 15.88
N ILE B 62 11.42 -2.92 14.62
CA ILE B 62 12.53 -3.09 13.69
C ILE B 62 13.01 -1.71 13.28
N SER B 63 14.31 -1.46 13.43
N SER B 63 14.30 -1.45 13.44
CA SER B 63 14.88 -0.12 13.38
CA SER B 63 14.84 -0.11 13.37
C SER B 63 16.07 -0.09 12.44
C SER B 63 16.06 -0.08 12.46
N GLY B 64 16.31 1.09 11.87
CA GLY B 64 17.48 1.26 11.03
C GLY B 64 17.43 2.38 10.02
N HIS B 65 16.24 2.70 9.52
CA HIS B 65 16.12 3.83 8.61
C HIS B 65 16.48 5.12 9.33
N LYS B 66 17.03 6.08 8.58
CA LYS B 66 17.44 7.36 9.13
C LYS B 66 16.36 8.40 9.08
N LEU B 67 15.35 8.18 8.27
CA LEU B 67 14.20 9.08 8.22
C LEU B 67 12.93 8.26 8.18
N GLY B 68 11.79 8.94 8.12
CA GLY B 68 10.50 8.28 8.18
C GLY B 68 10.30 7.29 7.06
N ILE B 69 9.37 6.35 7.29
CA ILE B 69 9.07 5.26 6.36
C ILE B 69 7.66 5.46 5.81
N SER B 70 7.53 5.35 4.49
CA SER B 70 6.22 5.52 3.86
C SER B 70 5.51 4.23 3.52
N ASP B 71 6.22 3.11 3.47
CA ASP B 71 5.63 1.85 3.02
C ASP B 71 6.46 0.69 3.54
N VAL B 72 5.81 -0.44 3.74
CA VAL B 72 6.48 -1.69 4.11
C VAL B 72 5.71 -2.80 3.43
N ALA B 73 6.42 -3.88 3.06
CA ALA B 73 5.76 -4.97 2.35
C ALA B 73 6.44 -6.28 2.71
N TRP B 74 5.66 -7.36 2.67
CA TRP B 74 6.08 -8.70 3.07
C TRP B 74 6.52 -9.51 1.86
N SER B 75 7.53 -10.36 2.07
CA SER B 75 7.82 -11.40 1.10
C SER B 75 6.74 -12.47 1.17
N SER B 76 6.67 -13.27 0.11
CA SER B 76 5.61 -14.27 0.01
C SER B 76 5.68 -15.30 1.11
N ASP B 77 6.86 -15.61 1.63
CA ASP B 77 6.99 -16.62 2.68
C ASP B 77 6.86 -16.01 4.06
N SER B 78 6.53 -14.73 4.15
CA SER B 78 6.32 -14.01 5.40
C SER B 78 7.59 -13.86 6.22
N ASN B 79 8.75 -14.12 5.65
CA ASN B 79 9.98 -14.06 6.42
C ASN B 79 10.72 -12.74 6.27
N LEU B 80 10.49 -12.04 5.17
CA LEU B 80 11.19 -10.80 4.90
C LEU B 80 10.22 -9.63 4.82
N LEU B 81 10.71 -8.45 5.15
CA LEU B 81 10.03 -7.20 4.85
C LEU B 81 10.94 -6.35 3.98
N VAL B 82 10.33 -5.50 3.16
CA VAL B 82 11.04 -4.37 2.58
C VAL B 82 10.32 -3.09 2.97
N SER B 83 11.10 -2.05 3.25
CA SER B 83 10.54 -0.76 3.66
C SER B 83 11.06 0.32 2.73
N ALA B 84 10.27 1.38 2.55
CA ALA B 84 10.58 2.49 1.66
C ALA B 84 10.63 3.76 2.50
N SER B 85 11.75 4.46 2.46
CA SER B 85 11.98 5.54 3.42
C SER B 85 12.29 6.87 2.73
N ASP B 86 11.94 7.95 3.43
CA ASP B 86 12.42 9.28 3.09
C ASP B 86 13.93 9.37 2.99
N ASP B 87 14.67 8.44 3.58
CA ASP B 87 16.13 8.51 3.53
C ASP B 87 16.70 8.07 2.18
N LYS B 88 15.80 7.86 1.20
CA LYS B 88 16.14 7.54 -0.20
C LYS B 88 16.54 6.11 -0.41
N THR B 89 16.30 5.30 0.61
CA THR B 89 16.58 3.92 0.49
C THR B 89 15.44 3.00 0.79
N LEU B 90 15.60 1.74 0.38
CA LEU B 90 14.71 0.72 0.83
C LEU B 90 15.61 -0.22 1.64
N LYS B 91 15.06 -0.93 2.58
CA LYS B 91 15.80 -1.88 3.35
C LYS B 91 15.04 -3.20 3.39
N ILE B 92 15.75 -4.29 3.15
CA ILE B 92 15.21 -5.62 3.27
C ILE B 92 15.55 -6.13 4.66
N TRP B 93 14.55 -6.63 5.36
CA TRP B 93 14.68 -7.08 6.74
C TRP B 93 14.36 -8.55 6.88
N ASP B 94 15.19 -9.27 7.63
CA ASP B 94 14.83 -10.57 8.15
C ASP B 94 13.97 -10.36 9.39
N VAL B 95 12.69 -10.72 9.31
CA VAL B 95 11.77 -10.32 10.37
C VAL B 95 12.12 -11.01 11.68
N SER B 96 12.44 -12.31 11.63
CA SER B 96 12.60 -13.03 12.88
C SER B 96 13.86 -12.59 13.63
N SER B 97 14.92 -12.22 12.90
CA SER B 97 16.13 -11.75 13.56
C SER B 97 16.17 -10.24 13.75
N GLY B 98 15.42 -9.51 12.93
CA GLY B 98 15.43 -8.07 12.97
C GLY B 98 16.56 -7.48 12.14
N LYS B 99 17.32 -8.33 11.50
CA LYS B 99 18.46 -7.82 10.78
C LYS B 99 18.14 -7.13 9.48
N CYS B 100 18.89 -6.09 9.19
CA CYS B 100 18.79 -5.46 7.90
C CYS B 100 19.71 -6.25 6.99
N LEU B 101 19.14 -6.98 6.04
CA LEU B 101 19.89 -7.80 5.13
C LEU B 101 20.51 -7.00 4.03
N LYS B 102 19.78 -6.05 3.51
CA LYS B 102 20.28 -5.20 2.47
C LYS B 102 19.72 -3.81 2.51
N THR B 103 20.50 -2.82 2.11
CA THR B 103 20.00 -1.46 1.92
C THR B 103 20.04 -1.20 0.43
N LEU B 104 18.88 -0.91 -0.14
CA LEU B 104 18.76 -0.71 -1.57
C LEU B 104 18.96 0.74 -1.88
N LYS B 105 20.07 1.03 -2.52
CA LYS B 105 20.44 2.41 -2.80
C LYS B 105 20.42 2.74 -4.27
N GLY B 106 19.97 3.94 -4.58
CA GLY B 106 19.89 4.35 -5.97
C GLY B 106 18.83 5.39 -6.27
N HIS B 107 17.69 5.33 -5.58
CA HIS B 107 16.74 6.42 -5.72
C HIS B 107 17.42 7.71 -5.28
N SER B 108 16.99 8.83 -5.86
CA SER B 108 17.59 10.12 -5.59
C SER B 108 16.65 11.04 -4.81
N ASN B 109 15.55 10.47 -4.33
CA ASN B 109 14.63 11.21 -3.53
C ASN B 109 13.85 10.20 -2.71
N TYR B 110 12.90 10.69 -1.94
CA TYR B 110 12.11 9.83 -1.09
C TYR B 110 11.60 8.57 -1.75
N VAL B 111 11.83 7.44 -1.12
CA VAL B 111 11.21 6.22 -1.60
C VAL B 111 9.85 6.11 -0.93
N PHE B 112 8.79 5.97 -1.72
CA PHE B 112 7.43 6.06 -1.21
C PHE B 112 6.61 4.81 -1.16
N CYS B 113 6.90 3.91 -2.07
CA CYS B 113 6.14 2.69 -2.16
C CYS B 113 6.99 1.51 -2.57
N CYS B 114 6.55 0.34 -2.17
CA CYS B 114 7.29 -0.86 -2.48
C CYS B 114 6.49 -2.15 -2.41
N ASN B 115 7.03 -3.15 -3.07
CA ASN B 115 6.39 -4.44 -3.07
C ASN B 115 7.28 -5.56 -3.59
N PHE B 116 7.17 -6.74 -3.01
CA PHE B 116 7.82 -7.91 -3.56
C PHE B 116 7.00 -8.44 -4.74
N ASN B 117 7.65 -9.19 -5.61
CA ASN B 117 6.91 -9.91 -6.60
C ASN B 117 6.51 -11.23 -5.91
N PRO B 118 5.61 -11.96 -6.54
CA PRO B 118 5.16 -13.19 -5.91
C PRO B 118 6.28 -14.19 -5.63
N GLN B 119 7.21 -14.33 -6.53
CA GLN B 119 8.34 -15.22 -6.27
C GLN B 119 9.23 -14.63 -5.18
N SER B 120 9.13 -13.32 -4.97
CA SER B 120 9.91 -12.63 -3.92
C SER B 120 11.41 -12.53 -4.18
N ASN B 121 11.84 -12.73 -5.43
CA ASN B 121 13.24 -12.56 -5.76
C ASN B 121 13.46 -11.12 -6.16
N LEU B 122 12.37 -10.41 -6.42
CA LEU B 122 12.43 -9.03 -6.87
C LEU B 122 11.67 -8.11 -5.92
N ILE B 123 12.11 -6.86 -5.87
CA ILE B 123 11.36 -5.79 -5.24
C ILE B 123 11.18 -4.70 -6.29
N VAL B 124 10.00 -4.09 -6.30
CA VAL B 124 9.75 -2.88 -7.06
C VAL B 124 9.52 -1.74 -6.07
N SER B 125 9.95 -0.54 -6.48
CA SER B 125 9.85 0.65 -5.63
C SER B 125 9.48 1.82 -6.51
N GLY B 126 8.81 2.79 -5.91
CA GLY B 126 8.50 4.03 -6.58
C GLY B 126 8.91 5.17 -5.68
N SER B 127 9.28 6.29 -6.31
CA SER B 127 9.97 7.34 -5.57
C SER B 127 9.52 8.72 -6.01
N PHE B 128 9.73 9.70 -5.13
CA PHE B 128 9.57 11.10 -5.53
C PHE B 128 10.53 11.48 -6.66
N ASP B 129 11.56 10.68 -6.92
CA ASP B 129 12.44 10.96 -8.06
C ASP B 129 11.81 10.60 -9.40
N GLU B 130 10.55 10.16 -9.41
CA GLU B 130 9.68 9.94 -10.57
C GLU B 130 10.02 8.63 -11.26
N SER B 131 10.89 7.81 -10.69
CA SER B 131 11.25 6.54 -11.30
C SER B 131 10.59 5.38 -10.58
N VAL B 132 10.50 4.27 -11.30
CA VAL B 132 10.22 2.97 -10.71
C VAL B 132 11.51 2.15 -10.81
N ARG B 133 11.89 1.52 -9.72
CA ARG B 133 13.05 0.67 -9.75
C ARG B 133 12.73 -0.77 -9.40
N ILE B 134 13.42 -1.69 -10.08
CA ILE B 134 13.28 -3.12 -9.86
C ILE B 134 14.59 -3.62 -9.29
N TRP B 135 14.52 -4.30 -8.15
CA TRP B 135 15.69 -4.68 -7.38
C TRP B 135 15.79 -6.19 -7.24
N ASP B 136 17.03 -6.68 -7.23
CA ASP B 136 17.29 -8.07 -6.89
C ASP B 136 17.38 -8.25 -5.39
N VAL B 137 16.49 -9.04 -4.82
CA VAL B 137 16.46 -9.23 -3.39
C VAL B 137 17.74 -9.83 -2.82
N LYS B 138 18.27 -10.83 -3.48
CA LYS B 138 19.45 -11.50 -2.99
C LYS B 138 20.68 -10.64 -3.01
N THR B 139 20.90 -9.92 -4.10
CA THR B 139 22.12 -9.13 -4.20
C THR B 139 21.92 -7.71 -3.74
N GLY B 140 20.68 -7.24 -3.63
CA GLY B 140 20.43 -5.87 -3.30
C GLY B 140 20.67 -4.89 -4.40
N LYS B 141 20.87 -5.37 -5.62
CA LYS B 141 21.21 -4.49 -6.71
C LYS B 141 20.02 -4.06 -7.53
N CYS B 142 20.07 -2.83 -8.02
CA CYS B 142 19.01 -2.35 -8.88
C CYS B 142 19.21 -2.93 -10.25
N LEU B 143 18.24 -3.68 -10.69
CA LEU B 143 18.30 -4.29 -12.01
C LEU B 143 17.89 -3.33 -13.11
N LYS B 144 16.84 -2.55 -12.82
CA LYS B 144 16.32 -1.61 -13.78
C LYS B 144 15.81 -0.34 -13.18
N THR B 145 15.95 0.74 -13.92
CA THR B 145 15.38 2.00 -13.49
C THR B 145 14.45 2.42 -14.63
N LEU B 146 13.15 2.48 -14.37
CA LEU B 146 12.16 2.81 -15.38
C LEU B 146 11.86 4.30 -15.31
N PRO B 147 11.93 5.02 -16.44
CA PRO B 147 11.63 6.47 -16.50
C PRO B 147 10.12 6.66 -16.49
N ALA B 148 9.51 6.29 -15.37
CA ALA B 148 8.12 5.89 -15.39
C ALA B 148 7.15 7.06 -15.50
N HIS B 149 7.48 8.19 -14.87
CA HIS B 149 6.50 9.23 -14.65
C HIS B 149 7.18 10.59 -14.65
N SER B 150 6.36 11.64 -14.72
CA SER B 150 6.84 13.03 -14.68
C SER B 150 6.48 13.68 -13.36
N ASP B 151 6.22 12.88 -12.34
CA ASP B 151 5.87 13.35 -11.01
C ASP B 151 6.12 12.21 -10.05
N PRO B 152 5.99 12.43 -8.74
CA PRO B 152 6.23 11.34 -7.80
C PRO B 152 5.41 10.11 -8.11
N VAL B 153 6.00 8.95 -7.85
CA VAL B 153 5.34 7.66 -8.06
C VAL B 153 4.70 7.23 -6.76
N SER B 154 3.38 7.13 -6.76
CA SER B 154 2.63 6.92 -5.53
C SER B 154 2.42 5.45 -5.18
N ALA B 155 2.45 4.55 -6.16
CA ALA B 155 2.24 3.14 -5.86
C ALA B 155 2.91 2.29 -6.93
N VAL B 156 3.38 1.10 -6.53
CA VAL B 156 3.93 0.09 -7.44
C VAL B 156 3.43 -1.28 -7.00
N HIS B 157 3.02 -2.10 -7.96
CA HIS B 157 2.47 -3.42 -7.60
C HIS B 157 2.77 -4.40 -8.74
N PHE B 158 3.11 -5.64 -8.37
CA PHE B 158 3.26 -6.73 -9.34
C PHE B 158 1.93 -7.44 -9.51
N ASN B 159 1.73 -7.98 -10.69
CA ASN B 159 0.55 -8.78 -10.91
C ASN B 159 0.77 -10.16 -10.31
N ARG B 160 -0.20 -11.02 -10.49
CA ARG B 160 -0.19 -12.33 -9.84
C ARG B 160 0.94 -13.25 -10.17
N ASP B 161 1.44 -13.17 -11.39
CA ASP B 161 2.59 -14.00 -11.74
C ASP B 161 3.87 -13.19 -11.86
N GLY B 162 3.84 -11.91 -11.46
CA GLY B 162 5.04 -11.11 -11.43
C GLY B 162 5.51 -10.62 -12.78
N SER B 163 4.76 -10.91 -13.85
CA SER B 163 5.20 -10.55 -15.19
C SER B 163 4.96 -9.09 -15.50
N LEU B 164 4.08 -8.44 -14.74
CA LEU B 164 3.71 -7.04 -14.97
C LEU B 164 3.85 -6.26 -13.69
N ILE B 165 4.14 -4.97 -13.84
CA ILE B 165 4.14 -4.01 -12.75
C ILE B 165 3.16 -2.91 -13.13
N VAL B 166 2.33 -2.48 -12.20
CA VAL B 166 1.54 -1.26 -12.40
C VAL B 166 2.12 -0.17 -11.51
N SER B 167 2.20 1.04 -12.04
CA SER B 167 2.67 2.19 -11.28
C SER B 167 1.64 3.31 -11.40
N SER B 168 1.61 4.19 -10.41
CA SER B 168 0.74 5.36 -10.43
C SER B 168 1.54 6.58 -10.02
N SER B 169 1.05 7.75 -10.43
CA SER B 169 1.81 8.96 -10.21
C SER B 169 0.88 10.15 -10.11
N TYR B 170 1.35 11.18 -9.42
CA TYR B 170 0.66 12.47 -9.40
C TYR B 170 0.52 13.08 -10.78
N ASP B 171 1.28 12.58 -11.77
CA ASP B 171 1.14 13.03 -13.15
C ASP B 171 -0.17 12.58 -13.80
N GLY B 172 -1.01 11.84 -13.07
CA GLY B 172 -2.31 11.48 -13.57
C GLY B 172 -2.35 10.16 -14.31
N LEU B 173 -1.22 9.48 -14.42
CA LEU B 173 -1.09 8.27 -15.20
C LEU B 173 -0.98 7.03 -14.32
N CYS B 174 -1.48 5.92 -14.89
CA CYS B 174 -1.24 4.62 -14.34
C CYS B 174 -0.56 3.97 -15.53
N ARG B 175 0.54 3.29 -15.28
CA ARG B 175 1.25 2.61 -16.34
C ARG B 175 1.53 1.15 -16.04
N ILE B 176 1.52 0.35 -17.07
CA ILE B 176 1.81 -1.07 -16.93
C ILE B 176 3.19 -1.34 -17.54
N TRP B 177 4.03 -2.07 -16.81
CA TRP B 177 5.40 -2.34 -17.23
C TRP B 177 5.65 -3.83 -17.32
N ASP B 178 6.36 -4.23 -18.36
CA ASP B 178 6.86 -5.59 -18.46
C ASP B 178 8.03 -5.75 -17.51
N THR B 179 7.89 -6.63 -16.52
CA THR B 179 8.97 -6.85 -15.56
C THR B 179 10.28 -7.20 -16.25
N ALA B 180 10.22 -8.12 -17.22
CA ALA B 180 11.45 -8.64 -17.83
C ALA B 180 12.17 -7.59 -18.65
N SER B 181 11.45 -6.92 -19.55
CA SER B 181 12.07 -5.96 -20.46
C SER B 181 12.15 -4.54 -19.91
N GLY B 182 11.24 -4.18 -19.00
CA GLY B 182 11.13 -2.80 -18.57
C GLY B 182 10.33 -1.92 -19.50
N GLN B 183 9.71 -2.49 -20.51
CA GLN B 183 8.90 -1.71 -21.41
C GLN B 183 7.57 -1.30 -20.86
N CYS B 184 7.17 -0.09 -21.22
CA CYS B 184 5.85 0.40 -20.86
C CYS B 184 4.90 -0.19 -21.83
N LEU B 185 4.01 -1.02 -21.34
CA LEU B 185 3.05 -1.71 -22.19
C LEU B 185 1.70 -1.02 -22.25
N LYS B 186 1.48 -0.07 -21.37
CA LYS B 186 0.23 0.61 -21.31
C LYS B 186 0.23 1.86 -20.49
N THR B 187 -0.46 2.89 -20.98
CA THR B 187 -0.65 4.10 -20.21
C THR B 187 -2.17 4.26 -20.14
N LEU B 188 -2.71 4.27 -18.94
CA LEU B 188 -4.14 4.41 -18.70
C LEU B 188 -4.46 5.88 -18.43
N ILE B 189 -5.39 6.43 -19.20
CA ILE B 189 -5.78 7.84 -19.12
C ILE B 189 -7.13 7.93 -18.41
N ASP B 190 -7.17 8.76 -17.37
CA ASP B 190 -8.40 9.07 -16.65
C ASP B 190 -8.78 10.51 -16.97
N ASP B 191 -10.05 10.74 -17.33
CA ASP B 191 -10.52 12.08 -17.68
C ASP B 191 -10.02 13.13 -16.69
N ASP B 192 -9.37 14.16 -17.24
CA ASP B 192 -8.88 15.35 -16.54
C ASP B 192 -7.60 15.04 -15.76
N ASN B 193 -7.09 13.82 -15.90
CA ASN B 193 -5.81 13.42 -15.30
C ASN B 193 -5.58 13.80 -13.83
N PRO B 194 -6.57 13.54 -12.99
CA PRO B 194 -6.30 13.83 -11.59
C PRO B 194 -5.12 13.03 -11.06
N PRO B 195 -4.35 13.62 -10.15
CA PRO B 195 -3.24 12.85 -9.56
C PRO B 195 -3.70 11.48 -9.10
N VAL B 196 -2.90 10.47 -9.41
CA VAL B 196 -3.20 9.11 -8.98
C VAL B 196 -2.43 8.86 -7.71
N SER B 197 -3.14 8.48 -6.67
CA SER B 197 -2.57 8.33 -5.36
C SER B 197 -2.35 6.90 -4.91
N PHE B 198 -2.95 5.96 -5.62
CA PHE B 198 -2.73 4.55 -5.30
C PHE B 198 -3.16 3.73 -6.49
N VAL B 199 -2.51 2.59 -6.71
CA VAL B 199 -2.98 1.65 -7.71
C VAL B 199 -2.53 0.27 -7.27
N LYS B 200 -3.28 -0.73 -7.71
CA LYS B 200 -2.89 -2.09 -7.53
C LYS B 200 -3.70 -3.02 -8.45
N PHE B 201 -3.10 -4.11 -8.87
CA PHE B 201 -3.83 -5.13 -9.62
C PHE B 201 -4.93 -5.75 -8.77
N SER B 202 -6.00 -6.16 -9.45
CA SER B 202 -6.99 -7.04 -8.87
C SER B 202 -6.37 -8.41 -8.65
N PRO B 203 -6.97 -9.21 -7.78
CA PRO B 203 -6.46 -10.55 -7.58
C PRO B 203 -6.24 -11.37 -8.86
N ASN B 204 -7.15 -11.25 -9.83
CA ASN B 204 -7.02 -11.99 -11.07
C ASN B 204 -6.08 -11.33 -12.08
N GLY B 205 -5.62 -10.13 -11.79
CA GLY B 205 -4.67 -9.47 -12.65
C GLY B 205 -5.26 -8.81 -13.87
N LYS B 206 -6.56 -8.91 -14.01
CA LYS B 206 -7.21 -8.35 -15.19
C LYS B 206 -7.60 -6.90 -14.97
N TYR B 207 -7.71 -6.51 -13.72
CA TYR B 207 -8.06 -5.16 -13.41
C TYR B 207 -7.08 -4.45 -12.55
N ILE B 208 -7.13 -3.14 -12.55
CA ILE B 208 -6.39 -2.34 -11.60
C ILE B 208 -7.38 -1.46 -10.85
N LEU B 209 -7.16 -1.34 -9.55
CA LEU B 209 -7.92 -0.45 -8.69
C LEU B 209 -7.07 0.79 -8.47
N ALA B 210 -7.62 1.96 -8.83
CA ALA B 210 -6.87 3.21 -8.81
C ALA B 210 -7.59 4.25 -8.00
N ALA B 211 -6.87 4.88 -7.08
CA ALA B 211 -7.38 6.03 -6.34
C ALA B 211 -6.84 7.29 -6.97
N THR B 212 -7.69 8.29 -7.09
CA THR B 212 -7.30 9.60 -7.57
C THR B 212 -7.69 10.65 -6.54
N LEU B 213 -6.93 11.74 -6.50
CA LEU B 213 -7.07 12.76 -5.47
C LEU B 213 -8.23 13.68 -5.82
N ASP B 214 -9.34 13.06 -6.23
CA ASP B 214 -10.61 13.70 -6.47
C ASP B 214 -11.72 12.91 -5.77
N ASN B 215 -11.37 12.29 -4.65
CA ASN B 215 -12.33 11.54 -3.87
C ASN B 215 -12.94 10.40 -4.63
N THR B 216 -12.13 9.74 -5.43
CA THR B 216 -12.64 8.66 -6.24
C THR B 216 -11.75 7.44 -6.40
N LEU B 217 -12.37 6.26 -6.36
CA LEU B 217 -11.69 5.03 -6.61
C LEU B 217 -12.33 4.45 -7.85
N LYS B 218 -11.51 3.87 -8.70
CA LYS B 218 -12.00 3.25 -9.90
C LYS B 218 -11.42 1.89 -10.18
N LEU B 219 -12.24 1.00 -10.70
CA LEU B 219 -11.78 -0.30 -11.11
C LEU B 219 -11.69 -0.25 -12.62
N TRP B 220 -10.52 -0.47 -13.17
CA TRP B 220 -10.26 -0.36 -14.59
C TRP B 220 -9.95 -1.72 -15.20
N ASP B 221 -10.57 -2.01 -16.34
CA ASP B 221 -10.00 -2.97 -17.27
C ASP B 221 -8.92 -2.20 -18.01
N TYR B 222 -7.66 -2.38 -17.58
CA TYR B 222 -6.61 -1.50 -18.07
C TYR B 222 -6.24 -1.81 -19.52
N SER B 223 -6.46 -3.01 -19.98
CA SER B 223 -6.20 -3.30 -21.37
C SER B 223 -7.13 -2.53 -22.25
N LYS B 224 -8.38 -2.50 -21.87
CA LYS B 224 -9.37 -1.87 -22.69
C LYS B 224 -9.52 -0.40 -22.38
N GLY B 225 -8.87 0.06 -21.33
CA GLY B 225 -8.95 1.44 -20.96
C GLY B 225 -10.36 1.78 -20.58
N LYS B 226 -11.03 0.82 -19.98
CA LYS B 226 -12.39 1.01 -19.59
C LYS B 226 -12.58 0.92 -18.11
N CYS B 227 -13.26 1.92 -17.58
CA CYS B 227 -13.55 1.93 -16.17
C CYS B 227 -14.80 1.11 -15.98
N LEU B 228 -14.71 0.12 -15.14
CA LEU B 228 -15.82 -0.78 -14.90
C LEU B 228 -16.65 -0.38 -13.69
N LYS B 229 -15.98 0.12 -12.65
CA LYS B 229 -16.66 0.51 -11.44
C LYS B 229 -16.08 1.78 -10.87
N THR B 230 -16.92 2.50 -10.14
CA THR B 230 -16.47 3.70 -9.49
C THR B 230 -17.01 3.72 -8.08
N TYR B 231 -16.16 4.07 -7.13
CA TYR B 231 -16.53 4.09 -5.74
C TYR B 231 -16.30 5.45 -5.16
N THR B 232 -17.32 6.01 -4.54
CA THR B 232 -17.23 7.31 -3.95
C THR B 232 -17.96 7.42 -2.62
N GLY B 233 -17.85 8.56 -1.98
CA GLY B 233 -18.48 8.79 -0.69
C GLY B 233 -17.47 9.18 0.36
N HIS B 234 -16.23 8.78 0.13
CA HIS B 234 -15.17 9.08 1.05
C HIS B 234 -14.44 10.37 0.68
N LYS B 235 -13.37 10.67 1.40
CA LYS B 235 -12.61 11.88 1.17
C LYS B 235 -11.15 11.56 0.89
N ASN B 236 -10.68 11.98 -0.26
CA ASN B 236 -9.33 11.73 -0.65
C ASN B 236 -8.86 12.77 -1.64
N GLU B 237 -8.26 13.83 -1.14
CA GLU B 237 -7.72 14.87 -1.98
C GLU B 237 -6.28 15.25 -1.67
N LYS B 238 -5.70 14.70 -0.60
CA LYS B 238 -4.37 15.09 -0.17
C LYS B 238 -3.36 13.99 0.14
N TYR B 239 -3.86 12.78 0.35
CA TYR B 239 -2.99 11.70 0.76
C TYR B 239 -3.07 10.46 -0.10
N CYS B 240 -1.98 9.71 -0.11
CA CYS B 240 -1.94 8.46 -0.85
C CYS B 240 -2.44 7.36 0.04
N ILE B 241 -3.76 7.22 0.08
CA ILE B 241 -4.40 6.23 0.89
C ILE B 241 -4.51 4.91 0.17
N PHE B 242 -4.10 3.86 0.84
CA PHE B 242 -4.18 2.56 0.25
C PHE B 242 -5.60 2.09 0.04
N ALA B 243 -5.81 1.15 -0.86
CA ALA B 243 -7.10 0.56 -1.05
C ALA B 243 -6.94 -0.94 -1.27
N ASN B 244 -7.96 -1.69 -0.88
CA ASN B 244 -7.89 -3.13 -0.97
C ASN B 244 -9.06 -3.84 -1.56
N PHE B 245 -8.82 -5.07 -1.98
CA PHE B 245 -9.88 -5.95 -2.39
C PHE B 245 -10.08 -6.91 -1.23
N SER B 246 -11.25 -6.89 -0.59
CA SER B 246 -11.56 -7.84 0.46
C SER B 246 -12.25 -9.01 -0.20
N VAL B 247 -11.73 -10.20 0.02
CA VAL B 247 -12.26 -11.37 -0.65
C VAL B 247 -12.48 -12.58 0.22
N THR B 248 -12.25 -12.44 1.51
CA THR B 248 -12.39 -13.56 2.44
C THR B 248 -13.84 -13.88 2.70
N GLY B 249 -14.68 -12.88 2.70
CA GLY B 249 -16.10 -13.09 2.87
C GLY B 249 -16.76 -12.50 1.66
N GLY B 250 -17.56 -11.49 1.86
CA GLY B 250 -18.11 -10.80 0.72
C GLY B 250 -17.03 -10.11 -0.08
N LYS B 251 -17.36 -9.77 -1.31
CA LYS B 251 -16.40 -9.12 -2.14
C LYS B 251 -16.55 -7.62 -2.01
N TRP B 252 -15.58 -7.03 -1.32
CA TRP B 252 -15.63 -5.62 -1.08
C TRP B 252 -14.43 -4.84 -1.54
N ILE B 253 -14.58 -3.52 -1.50
CA ILE B 253 -13.48 -2.65 -1.77
C ILE B 253 -13.32 -1.89 -0.46
N VAL B 254 -12.08 -1.75 -0.01
CA VAL B 254 -11.81 -1.12 1.27
C VAL B 254 -10.79 -0.02 1.13
N SER B 255 -11.07 1.09 1.80
CA SER B 255 -10.15 2.20 1.78
C SER B 255 -10.26 3.10 2.94
N GLY B 256 -9.15 3.73 3.25
CA GLY B 256 -9.17 4.74 4.25
C GLY B 256 -9.75 6.03 3.68
N SER B 257 -9.77 7.07 4.48
CA SER B 257 -10.38 8.33 4.09
C SER B 257 -9.90 9.47 4.97
N GLU B 258 -9.98 10.69 4.46
CA GLU B 258 -9.50 11.83 5.17
C GLU B 258 -10.53 12.36 6.15
N ASP B 259 -11.67 11.70 6.21
CA ASP B 259 -12.66 12.03 7.22
C ASP B 259 -12.51 11.06 8.41
N ASN B 260 -11.39 10.35 8.52
CA ASN B 260 -11.09 9.48 9.66
C ASN B 260 -11.86 8.17 9.73
N LEU B 261 -12.47 7.80 8.64
CA LEU B 261 -13.19 6.55 8.58
C LEU B 261 -12.63 5.58 7.60
N VAL B 262 -12.99 4.32 7.78
CA VAL B 262 -12.66 3.31 6.83
C VAL B 262 -13.94 3.06 6.05
N TYR B 263 -13.85 3.08 4.74
CA TYR B 263 -15.01 2.83 3.91
C TYR B 263 -14.96 1.43 3.30
N ILE B 264 -16.09 0.77 3.26
CA ILE B 264 -16.19 -0.54 2.64
C ILE B 264 -17.33 -0.51 1.63
N TRP B 265 -17.04 -0.90 0.39
CA TRP B 265 -18.04 -0.90 -0.65
C TRP B 265 -18.28 -2.26 -1.25
N ASN B 266 -19.50 -2.49 -1.69
CA ASN B 266 -19.79 -3.68 -2.44
C ASN B 266 -19.13 -3.42 -3.76
N LEU B 267 -18.28 -4.34 -4.20
CA LEU B 267 -17.51 -4.12 -5.40
C LEU B 267 -18.39 -4.05 -6.63
N GLN B 268 -19.38 -4.92 -6.67
CA GLN B 268 -20.27 -4.97 -7.81
C GLN B 268 -21.28 -3.86 -7.82
N THR B 269 -21.89 -3.55 -6.70
CA THR B 269 -22.93 -2.54 -6.69
C THR B 269 -22.41 -1.15 -6.48
N LYS B 270 -21.17 -1.04 -5.99
CA LYS B 270 -20.53 0.25 -5.75
C LYS B 270 -21.16 0.97 -4.58
N GLU B 271 -22.01 0.28 -3.85
CA GLU B 271 -22.65 0.87 -2.71
C GLU B 271 -21.84 0.72 -1.44
N ILE B 272 -21.80 1.78 -0.65
CA ILE B 272 -21.10 1.72 0.60
C ILE B 272 -21.88 0.79 1.50
N VAL B 273 -21.23 -0.25 1.99
CA VAL B 273 -21.84 -1.22 2.89
C VAL B 273 -21.45 -1.02 4.35
N GLN B 274 -20.35 -0.32 4.59
CA GLN B 274 -19.95 -0.02 5.95
C GLN B 274 -18.94 1.10 6.08
N LYS B 275 -19.05 1.85 7.15
CA LYS B 275 -18.07 2.86 7.46
C LYS B 275 -17.61 2.61 8.89
N LEU B 276 -16.32 2.46 9.10
CA LEU B 276 -15.78 2.10 10.40
C LEU B 276 -15.32 3.36 11.12
N GLN B 277 -15.90 3.62 12.28
CA GLN B 277 -15.63 4.83 13.05
C GLN B 277 -14.76 4.51 14.26
N GLY B 278 -13.82 5.41 14.56
CA GLY B 278 -12.97 5.24 15.73
C GLY B 278 -11.63 5.96 15.67
N HIS B 279 -11.06 6.09 14.48
CA HIS B 279 -9.83 6.86 14.35
C HIS B 279 -10.10 8.35 14.52
N THR B 280 -9.06 9.08 14.91
CA THR B 280 -9.18 10.52 15.15
C THR B 280 -8.37 11.35 14.16
N ASP B 281 -7.83 10.71 13.15
CA ASP B 281 -7.12 11.40 12.11
C ASP B 281 -7.28 10.59 10.82
N VAL B 282 -6.71 11.10 9.74
CA VAL B 282 -6.85 10.45 8.47
C VAL B 282 -6.45 9.01 8.50
N VAL B 283 -7.30 8.17 7.96
CA VAL B 283 -6.96 6.76 7.85
C VAL B 283 -6.13 6.61 6.56
N ILE B 284 -4.82 6.51 6.72
CA ILE B 284 -3.91 6.46 5.58
C ILE B 284 -3.82 5.07 4.97
N SER B 285 -4.12 4.02 5.72
CA SER B 285 -3.78 2.70 5.26
C SER B 285 -4.76 1.69 5.84
N THR B 286 -5.19 0.78 4.99
CA THR B 286 -5.99 -0.37 5.40
C THR B 286 -5.41 -1.60 4.73
N ALA B 287 -5.68 -2.75 5.34
CA ALA B 287 -5.21 -4.02 4.80
C ALA B 287 -6.22 -5.07 5.19
N CYS B 288 -6.34 -6.09 4.35
CA CYS B 288 -7.28 -7.16 4.59
C CYS B 288 -6.57 -8.47 4.83
N HIS B 289 -6.93 -9.15 5.90
CA HIS B 289 -6.29 -10.40 6.24
C HIS B 289 -6.45 -11.41 5.12
N PRO B 290 -5.45 -12.26 4.90
CA PRO B 290 -5.51 -13.17 3.73
C PRO B 290 -6.54 -14.29 3.85
N THR B 291 -6.90 -14.72 5.06
CA THR B 291 -7.87 -15.82 5.20
C THR B 291 -9.06 -15.52 6.11
N GLU B 292 -8.98 -14.57 7.02
CA GLU B 292 -10.07 -14.22 7.91
C GLU B 292 -10.63 -12.85 7.56
N ASN B 293 -11.89 -12.62 7.91
CA ASN B 293 -12.53 -11.34 7.65
C ASN B 293 -12.02 -10.36 8.67
N ILE B 294 -10.81 -9.88 8.47
CA ILE B 294 -10.19 -8.96 9.38
C ILE B 294 -9.55 -7.81 8.61
N ILE B 295 -9.80 -6.61 9.08
CA ILE B 295 -9.20 -5.43 8.48
C ILE B 295 -8.31 -4.74 9.50
N ALA B 296 -7.14 -4.31 9.04
CA ALA B 296 -6.28 -3.43 9.83
C ALA B 296 -6.37 -2.04 9.23
N SER B 297 -6.41 -1.03 10.09
CA SER B 297 -6.43 0.36 9.64
C SER B 297 -5.42 1.13 10.46
N ALA B 298 -4.88 2.20 9.86
CA ALA B 298 -3.91 3.01 10.56
C ALA B 298 -4.11 4.47 10.20
N ALA B 299 -3.77 5.32 11.16
CA ALA B 299 -4.01 6.74 11.00
C ALA B 299 -2.82 7.65 11.23
N LEU B 300 -3.02 8.88 10.85
CA LEU B 300 -1.93 9.82 10.89
C LEU B 300 -1.56 10.44 12.24
N GLU B 301 -0.75 11.49 12.22
CA GLU B 301 -0.16 12.04 13.43
C GLU B 301 -1.04 12.33 14.61
N ASN B 302 -2.25 12.77 14.37
CA ASN B 302 -3.09 13.16 15.50
C ASN B 302 -3.73 11.94 16.18
N ASP B 303 -3.52 10.77 15.60
CA ASP B 303 -4.08 9.53 16.12
C ASP B 303 -2.97 8.55 16.46
N LYS B 304 -2.20 8.12 15.47
CA LYS B 304 -1.03 7.24 15.65
C LYS B 304 -1.35 5.80 16.03
N THR B 305 -2.61 5.46 15.97
CA THR B 305 -3.02 4.11 16.28
C THR B 305 -3.34 3.24 15.09
N ILE B 306 -3.25 1.93 15.30
CA ILE B 306 -3.63 0.98 14.31
C ILE B 306 -4.83 0.29 14.90
N LYS B 307 -5.80 -0.06 14.09
CA LYS B 307 -6.95 -0.77 14.58
C LYS B 307 -7.22 -2.04 13.82
N LEU B 308 -7.65 -3.04 14.55
CA LEU B 308 -7.98 -4.31 13.96
C LEU B 308 -9.48 -4.51 14.12
N TRP B 309 -10.15 -4.80 13.04
CA TRP B 309 -11.58 -4.96 13.03
C TRP B 309 -11.92 -6.33 12.48
N LYS B 310 -12.98 -6.95 12.97
CA LYS B 310 -13.37 -8.25 12.46
C LYS B 310 -14.85 -8.36 12.20
N SER B 311 -15.18 -9.08 11.14
CA SER B 311 -16.58 -9.32 10.83
C SER B 311 -16.87 -10.79 10.75
N ASP B 312 -18.11 -11.15 11.04
CA ASP B 312 -18.51 -12.53 10.88
C ASP B 312 -18.73 -12.91 9.42
N CYS B 313 -18.70 -11.94 8.49
CA CYS B 313 -18.81 -12.27 7.09
C CYS B 313 -18.11 -11.30 6.11
#